data_2HTW
#
_entry.id   2HTW
#
_cell.length_a   193.400
_cell.length_b   193.400
_cell.length_c   193.400
_cell.angle_alpha   90.00
_cell.angle_beta   90.00
_cell.angle_gamma   90.00
#
_symmetry.space_group_name_H-M   'I 4 3 2'
#
loop_
_entity.id
_entity.type
_entity.pdbx_description
1 polymer Neuraminidase
2 non-polymer '2-DEOXY-2,3-DEHYDRO-N-ACETYL-NEURAMINIC ACID'
#
_entity_poly.entity_id   1
_entity_poly.type   'polypeptide(L)'
_entity_poly.pdbx_seq_one_letter_code
;VIHYSSGKDLCPVKGWAPLSKDNGIRIGSRGEVFVIREPFISCSINECRTFFLTQGALLNDKHSNGTVKDRSPFRTLMSC
PIGVAPSPSNSRFESVAWSATACSDGPGWLTIGITGPDATAVAVLKYNGIITDTLKSWKGNIMRTQESECVCQDEFCYTL
ITDGPSDAQAFYKILKIKKGKIVSVKDVDAPGFHFEECSCYPSGENVECVCRDNWRGSNRPWIRFNSDLDYQIGYVCSGV
FGDNPRPMDSTGSCNSPINNGKGRYGVKGFSFRYGDGVWIGRTKSLESRSGFEMVWDANGWVSTDKDSNGVQDIIDNDNW
SGYSGSFSIRGETTGRNCTVPCFWVEMIRGQPKEKTIWTSGSSIAFCGVNSDTTGWSWPDGALLPFDIDK
;
_entity_poly.pdbx_strand_id   A
#
loop_
_chem_comp.id
_chem_comp.type
_chem_comp.name
_chem_comp.formula
DAN D-saccharide '2-DEOXY-2,3-DEHYDRO-N-ACETYL-NEURAMINIC ACID' 'C11 H17 N O8'
#
# COMPACT_ATOMS: atom_id res chain seq x y z
N VAL A 1 16.73 18.83 -7.10
CA VAL A 1 16.90 20.31 -7.28
C VAL A 1 15.54 21.04 -7.35
N ILE A 2 14.55 20.39 -7.98
CA ILE A 2 13.20 20.95 -8.15
C ILE A 2 12.09 20.14 -7.46
N HIS A 3 11.09 20.84 -6.94
CA HIS A 3 9.99 20.20 -6.22
C HIS A 3 8.97 19.50 -7.13
N TYR A 4 8.35 18.43 -6.60
CA TYR A 4 7.33 17.69 -7.35
C TYR A 4 6.18 18.66 -7.45
N SER A 5 5.75 18.98 -8.68
CA SER A 5 4.64 19.91 -8.85
C SER A 5 3.30 19.18 -8.97
N SER A 6 2.21 19.95 -9.02
CA SER A 6 0.87 19.38 -9.10
C SER A 6 0.25 19.54 -10.49
N GLY A 7 -1.01 19.12 -10.59
CA GLY A 7 -1.74 19.21 -11.84
C GLY A 7 -1.19 18.32 -12.95
N LYS A 8 -1.31 17.00 -12.77
CA LYS A 8 -0.83 16.04 -13.76
C LYS A 8 -1.66 14.75 -13.72
N ASP A 9 -2.15 14.32 -14.88
CA ASP A 9 -2.97 13.10 -14.96
C ASP A 9 -2.24 11.78 -15.15
N LEU A 10 -2.78 10.72 -14.56
CA LEU A 10 -2.18 9.41 -14.70
C LEU A 10 -2.11 9.06 -16.17
N CYS A 11 -0.88 8.96 -16.66
CA CYS A 11 -0.63 8.62 -18.06
C CYS A 11 -1.48 7.45 -18.53
N PRO A 12 -1.57 7.27 -19.85
CA PRO A 12 -2.33 6.19 -20.48
C PRO A 12 -1.69 4.85 -20.10
N VAL A 13 -2.50 3.89 -19.66
CA VAL A 13 -1.95 2.60 -19.29
C VAL A 13 -2.65 1.42 -19.96
N LYS A 14 -1.95 0.81 -20.91
CA LYS A 14 -2.47 -0.35 -21.66
C LYS A 14 -2.11 -1.65 -20.94
N GLY A 15 -0.90 -1.70 -20.41
CA GLY A 15 -0.45 -2.89 -19.72
C GLY A 15 0.65 -2.66 -18.71
N TRP A 16 0.71 -3.51 -17.71
CA TRP A 16 1.71 -3.37 -16.68
C TRP A 16 2.97 -4.10 -17.02
N ALA A 17 4.08 -3.36 -17.04
CA ALA A 17 5.40 -3.91 -17.33
C ALA A 17 6.09 -4.18 -15.99
N PRO A 18 6.87 -5.27 -15.89
CA PRO A 18 7.58 -5.62 -14.66
C PRO A 18 8.75 -4.68 -14.36
N LEU A 19 8.68 -3.98 -13.25
CA LEU A 19 9.73 -3.07 -12.87
C LEU A 19 10.80 -3.80 -12.10
N SER A 20 10.40 -4.56 -11.09
CA SER A 20 11.37 -5.27 -10.27
C SER A 20 10.88 -6.32 -9.27
N LYS A 21 11.56 -7.46 -9.28
CA LYS A 21 11.28 -8.55 -8.34
C LYS A 21 12.53 -8.61 -7.47
N ASP A 22 12.38 -8.97 -6.20
CA ASP A 22 13.53 -8.98 -5.30
C ASP A 22 13.90 -10.29 -4.60
N ASN A 23 13.17 -11.37 -4.87
CA ASN A 23 13.49 -12.67 -4.25
C ASN A 23 13.97 -12.52 -2.83
N GLY A 24 13.44 -11.52 -2.13
CA GLY A 24 13.86 -11.32 -0.76
C GLY A 24 14.00 -12.62 -0.02
N ILE A 25 12.87 -13.27 0.23
CA ILE A 25 12.84 -14.53 0.96
C ILE A 25 13.69 -15.68 0.41
N ARG A 26 13.82 -15.77 -0.92
CA ARG A 26 14.62 -16.84 -1.51
C ARG A 26 16.09 -16.66 -1.16
N ILE A 27 16.56 -15.43 -1.17
CA ILE A 27 17.94 -15.14 -0.84
C ILE A 27 18.17 -15.36 0.65
N GLY A 28 17.10 -15.23 1.42
CA GLY A 28 17.18 -15.41 2.86
C GLY A 28 17.32 -16.87 3.23
N SER A 29 17.17 -17.74 2.24
CA SER A 29 17.29 -19.18 2.45
C SER A 29 18.61 -19.47 3.16
N ARG A 30 19.64 -18.75 2.74
CA ARG A 30 20.97 -18.89 3.31
C ARG A 30 21.68 -17.54 3.41
N GLY A 31 21.03 -16.49 2.92
CA GLY A 31 21.63 -15.17 2.99
C GLY A 31 21.29 -14.41 4.28
N GLU A 32 21.89 -13.23 4.42
CA GLU A 32 21.65 -12.38 5.57
C GLU A 32 20.57 -11.40 5.18
N VAL A 33 19.31 -11.81 5.29
CA VAL A 33 18.18 -10.94 4.92
C VAL A 33 17.27 -10.69 6.12
N PHE A 34 16.66 -9.50 6.15
CA PHE A 34 15.75 -9.10 7.21
C PHE A 34 14.40 -9.78 7.10
N VAL A 35 13.81 -10.14 8.25
CA VAL A 35 12.48 -10.73 8.22
C VAL A 35 11.59 -9.52 8.04
N ILE A 36 10.83 -9.51 6.96
CA ILE A 36 10.01 -8.36 6.67
C ILE A 36 8.51 -8.61 6.54
N ARG A 37 7.81 -7.54 6.20
CA ARG A 37 6.38 -7.53 5.98
C ARG A 37 6.01 -6.08 5.87
N GLU A 38 4.86 -5.80 5.26
CA GLU A 38 4.39 -4.43 5.12
C GLU A 38 5.29 -3.59 4.22
N PRO A 39 5.83 -4.18 3.15
CA PRO A 39 6.71 -3.41 2.25
C PRO A 39 5.89 -2.59 1.28
N PHE A 40 6.58 -1.69 0.59
CA PHE A 40 5.96 -0.83 -0.41
C PHE A 40 7.00 0.08 -1.03
N ILE A 41 6.82 0.44 -2.29
CA ILE A 41 7.80 1.30 -2.97
C ILE A 41 7.42 2.77 -2.90
N SER A 42 8.40 3.61 -3.19
CA SER A 42 8.25 5.05 -3.20
C SER A 42 9.45 5.67 -3.89
N CYS A 43 9.21 6.48 -4.91
CA CYS A 43 10.31 7.12 -5.62
C CYS A 43 10.36 8.62 -5.36
N SER A 44 11.54 9.16 -5.61
CA SER A 44 11.80 10.58 -5.50
C SER A 44 12.34 10.82 -6.91
N ILE A 45 12.94 11.96 -7.16
CA ILE A 45 13.47 12.25 -8.50
C ILE A 45 14.56 11.33 -9.03
N ASN A 46 15.54 10.98 -8.19
CA ASN A 46 16.63 10.14 -8.66
C ASN A 46 16.54 8.69 -8.27
N GLU A 47 16.28 8.45 -7.00
CA GLU A 47 16.23 7.10 -6.48
C GLU A 47 14.85 6.58 -6.09
N CYS A 48 14.58 5.32 -6.43
CA CYS A 48 13.31 4.68 -6.06
C CYS A 48 13.69 3.72 -4.96
N ARG A 49 13.06 3.82 -3.80
CA ARG A 49 13.42 2.91 -2.72
C ARG A 49 12.27 2.02 -2.31
N THR A 50 12.60 0.89 -1.68
CA THR A 50 11.60 -0.04 -1.17
C THR A 50 11.68 0.18 0.34
N PHE A 51 10.54 0.39 0.98
CA PHE A 51 10.50 0.56 2.42
C PHE A 51 9.85 -0.66 3.05
N PHE A 52 10.06 -0.86 4.34
CA PHE A 52 9.50 -2.04 4.98
C PHE A 52 9.57 -2.01 6.49
N LEU A 53 8.65 -2.73 7.12
CA LEU A 53 8.60 -2.78 8.56
C LEU A 53 9.28 -4.04 9.02
N THR A 54 10.55 -3.90 9.39
CA THR A 54 11.40 -4.99 9.84
C THR A 54 10.86 -5.62 11.12
N GLN A 55 11.03 -6.92 11.27
CA GLN A 55 10.60 -7.57 12.49
C GLN A 55 11.79 -7.53 13.45
N GLY A 56 12.78 -6.72 13.09
CA GLY A 56 13.97 -6.59 13.90
C GLY A 56 14.72 -7.89 14.04
N ALA A 57 14.76 -8.69 12.97
CA ALA A 57 15.45 -9.97 12.97
C ALA A 57 15.69 -10.44 11.54
N LEU A 58 16.51 -11.47 11.37
CA LEU A 58 16.81 -12.01 10.04
C LEU A 58 16.22 -13.41 9.85
N LEU A 59 15.85 -13.74 8.60
CA LEU A 59 15.24 -15.04 8.23
C LEU A 59 16.13 -16.21 8.57
N ASN A 60 15.49 -17.33 8.89
CA ASN A 60 16.17 -18.57 9.24
C ASN A 60 16.85 -18.46 10.60
N ASP A 61 16.33 -17.58 11.44
CA ASP A 61 16.88 -17.38 12.76
C ASP A 61 15.85 -17.59 13.85
N LYS A 62 16.34 -17.91 15.05
CA LYS A 62 15.48 -18.16 16.20
C LYS A 62 14.74 -16.90 16.65
N HIS A 63 15.20 -15.76 16.16
CA HIS A 63 14.59 -14.48 16.48
C HIS A 63 13.50 -14.15 15.47
N SER A 64 13.24 -15.07 14.56
CA SER A 64 12.20 -14.84 13.58
C SER A 64 10.97 -15.64 14.02
N ASN A 65 11.00 -16.16 15.24
CA ASN A 65 9.91 -16.95 15.80
C ASN A 65 8.73 -16.10 16.24
N GLY A 66 7.69 -16.08 15.43
CA GLY A 66 6.52 -15.30 15.77
C GLY A 66 6.35 -14.07 14.92
N THR A 67 7.23 -13.90 13.94
CA THR A 67 7.15 -12.75 13.06
C THR A 67 5.77 -12.62 12.41
N VAL A 68 4.82 -13.46 12.84
CA VAL A 68 3.46 -13.44 12.31
C VAL A 68 2.66 -12.26 12.82
N LYS A 69 3.00 -11.78 14.01
CA LYS A 69 2.28 -10.67 14.60
C LYS A 69 2.85 -9.31 14.20
N ASP A 70 1.95 -8.36 14.00
CA ASP A 70 2.33 -7.02 13.64
C ASP A 70 2.49 -6.29 14.96
N ARG A 71 3.31 -5.24 14.98
CA ARG A 71 3.54 -4.43 16.19
C ARG A 71 4.46 -4.99 17.28
N SER A 72 5.49 -4.22 17.60
CA SER A 72 6.46 -4.58 18.64
C SER A 72 7.47 -3.44 18.71
N PRO A 73 8.12 -3.27 19.87
CA PRO A 73 9.11 -2.21 20.00
C PRO A 73 10.30 -2.49 19.11
N PHE A 74 10.27 -3.65 18.47
CA PHE A 74 11.34 -4.11 17.60
C PHE A 74 11.08 -3.71 16.16
N ARG A 75 9.81 -3.68 15.78
CA ARG A 75 9.43 -3.32 14.42
C ARG A 75 10.02 -1.95 14.04
N THR A 76 10.85 -1.92 13.00
CA THR A 76 11.48 -0.67 12.55
C THR A 76 11.41 -0.47 11.03
N LEU A 77 10.96 0.71 10.61
CA LEU A 77 10.85 1.03 9.18
C LEU A 77 12.19 1.32 8.54
N MET A 78 12.50 0.67 7.43
CA MET A 78 13.77 0.89 6.75
C MET A 78 13.65 0.80 5.24
N SER A 79 14.56 1.47 4.54
CA SER A 79 14.54 1.48 3.08
C SER A 79 15.73 0.79 2.41
N CYS A 80 15.65 0.66 1.09
CA CYS A 80 16.70 0.06 0.27
C CYS A 80 16.29 0.22 -1.20
N PRO A 81 17.26 0.40 -2.11
CA PRO A 81 16.91 0.56 -3.52
C PRO A 81 16.05 -0.59 -4.00
N ILE A 82 15.28 -0.37 -5.05
CA ILE A 82 14.40 -1.42 -5.54
C ILE A 82 15.16 -2.63 -6.03
N GLY A 83 14.49 -3.78 -5.99
CA GLY A 83 15.06 -5.04 -6.47
C GLY A 83 16.08 -5.80 -5.65
N VAL A 84 16.69 -5.12 -4.68
CA VAL A 84 17.71 -5.76 -3.86
C VAL A 84 17.11 -6.38 -2.63
N ALA A 85 17.72 -7.47 -2.17
CA ALA A 85 17.24 -8.14 -0.97
C ALA A 85 17.43 -7.14 0.16
N PRO A 86 16.39 -6.93 0.99
CA PRO A 86 16.48 -5.99 2.12
C PRO A 86 17.35 -6.54 3.24
N SER A 87 18.66 -6.43 3.11
CA SER A 87 19.56 -6.95 4.12
C SER A 87 20.25 -5.87 4.94
N PRO A 88 20.67 -6.20 6.18
CA PRO A 88 21.35 -5.28 7.08
C PRO A 88 22.52 -4.54 6.43
N SER A 89 22.88 -4.98 5.22
CA SER A 89 23.99 -4.41 4.46
C SER A 89 23.59 -3.28 3.50
N ASN A 90 22.42 -3.38 2.87
CA ASN A 90 21.97 -2.32 1.98
C ASN A 90 20.78 -1.59 2.56
N SER A 91 20.23 -2.13 3.65
CA SER A 91 19.09 -1.52 4.29
C SER A 91 19.48 -0.31 5.11
N ARG A 92 18.86 0.83 4.78
CA ARG A 92 19.08 2.11 5.46
C ARG A 92 17.99 2.29 6.51
N PHE A 93 18.35 2.83 7.68
CA PHE A 93 17.36 3.02 8.74
C PHE A 93 16.43 4.20 8.44
N GLU A 94 15.16 4.08 8.81
CA GLU A 94 14.23 5.17 8.55
C GLU A 94 13.49 5.66 9.78
N SER A 95 12.92 4.74 10.57
CA SER A 95 12.17 5.11 11.78
C SER A 95 11.84 3.92 12.69
N VAL A 96 11.42 4.22 13.93
CA VAL A 96 11.03 3.18 14.86
C VAL A 96 9.52 3.14 14.69
N ALA A 97 8.98 2.00 14.20
CA ALA A 97 7.53 1.86 14.00
C ALA A 97 7.05 0.50 13.47
N TRP A 98 5.79 0.20 13.73
CA TRP A 98 5.15 -1.04 13.28
C TRP A 98 4.04 -0.74 12.29
N SER A 99 4.09 0.47 11.76
CA SER A 99 3.12 0.93 10.78
C SER A 99 3.71 2.26 10.39
N ALA A 100 3.54 2.64 9.13
CA ALA A 100 4.07 3.91 8.66
C ALA A 100 3.81 4.19 7.20
N THR A 101 4.34 5.31 6.75
CA THR A 101 4.22 5.71 5.36
C THR A 101 5.29 6.75 5.13
N ALA A 102 5.81 6.80 3.91
CA ALA A 102 6.85 7.75 3.56
C ALA A 102 6.66 8.15 2.12
N CYS A 103 7.06 9.36 1.80
CA CYS A 103 6.96 9.84 0.44
C CYS A 103 8.05 10.85 0.21
N SER A 104 8.04 11.44 -0.97
CA SER A 104 9.02 12.45 -1.29
C SER A 104 8.25 13.60 -1.89
N ASP A 105 8.83 14.79 -1.79
CA ASP A 105 8.21 15.98 -2.36
C ASP A 105 9.06 16.30 -3.56
N GLY A 106 9.90 15.34 -3.91
CA GLY A 106 10.79 15.49 -5.04
C GLY A 106 12.24 15.30 -4.62
N PRO A 107 12.85 16.32 -3.98
CA PRO A 107 14.24 16.24 -3.53
C PRO A 107 14.47 15.69 -2.15
N GLY A 108 13.40 15.42 -1.40
CA GLY A 108 13.57 14.90 -0.05
C GLY A 108 12.54 13.89 0.39
N TRP A 109 12.91 13.04 1.36
CA TRP A 109 12.00 12.01 1.85
C TRP A 109 11.29 12.40 3.14
N LEU A 110 10.03 11.99 3.26
CA LEU A 110 9.23 12.24 4.46
C LEU A 110 8.94 10.88 5.06
N THR A 111 9.22 10.69 6.36
CA THR A 111 8.95 9.38 6.95
C THR A 111 8.03 9.46 8.17
N ILE A 112 6.95 8.68 8.14
CA ILE A 112 6.00 8.69 9.24
C ILE A 112 5.90 7.35 9.94
N GLY A 113 6.78 7.09 10.89
CA GLY A 113 6.75 5.84 11.61
C GLY A 113 5.92 5.99 12.89
N ILE A 114 4.91 5.14 13.04
CA ILE A 114 4.01 5.16 14.20
C ILE A 114 4.33 4.03 15.18
N THR A 115 5.07 4.30 16.25
CA THR A 115 5.39 3.22 17.19
C THR A 115 4.76 3.48 18.55
N GLY A 116 4.97 2.57 19.48
CA GLY A 116 4.42 2.72 20.82
C GLY A 116 3.31 1.75 21.14
N PRO A 117 2.81 1.75 22.39
CA PRO A 117 1.74 0.87 22.85
C PRO A 117 0.45 0.93 22.03
N ASP A 118 -0.30 -0.17 22.05
CA ASP A 118 -1.57 -0.26 21.33
C ASP A 118 -2.46 0.88 21.82
N ALA A 119 -2.60 0.94 23.14
CA ALA A 119 -3.43 1.93 23.79
C ALA A 119 -3.16 3.40 23.41
N THR A 120 -1.89 3.80 23.30
CA THR A 120 -1.57 5.19 22.95
C THR A 120 -0.35 5.43 22.05
N ALA A 121 -0.41 4.89 20.85
CA ALA A 121 0.66 5.01 19.87
C ALA A 121 0.92 6.44 19.39
N VAL A 122 2.09 6.65 18.81
CA VAL A 122 2.49 7.96 18.32
C VAL A 122 3.09 7.93 16.92
N ALA A 123 2.69 8.86 16.07
CA ALA A 123 3.27 8.93 14.76
C ALA A 123 4.48 9.82 14.95
N VAL A 124 5.55 9.58 14.21
CA VAL A 124 6.74 10.42 14.32
C VAL A 124 7.12 10.91 12.92
N LEU A 125 6.94 12.20 12.69
CA LEU A 125 7.23 12.80 11.41
C LEU A 125 8.69 13.16 11.29
N LYS A 126 9.38 12.49 10.38
CA LYS A 126 10.79 12.76 10.14
C LYS A 126 10.87 13.24 8.69
N TYR A 127 11.75 14.17 8.41
CA TYR A 127 11.94 14.67 7.05
C TYR A 127 13.41 14.61 6.69
N ASN A 128 13.77 13.65 5.85
CA ASN A 128 15.15 13.46 5.45
C ASN A 128 15.95 13.09 6.69
N GLY A 129 15.35 12.22 7.49
CA GLY A 129 16.01 11.74 8.70
C GLY A 129 15.77 12.47 10.00
N ILE A 130 15.54 13.77 9.94
CA ILE A 130 15.32 14.56 11.14
C ILE A 130 13.88 14.55 11.63
N ILE A 131 13.70 14.36 12.94
CA ILE A 131 12.35 14.37 13.49
C ILE A 131 11.89 15.80 13.29
N THR A 132 10.68 15.96 12.79
CA THR A 132 10.17 17.28 12.51
C THR A 132 8.82 17.57 13.14
N ASP A 133 8.16 16.53 13.61
CA ASP A 133 6.83 16.68 14.19
C ASP A 133 6.35 15.33 14.72
N THR A 134 5.23 15.34 15.44
CA THR A 134 4.67 14.10 15.97
C THR A 134 3.17 14.24 16.08
N LEU A 135 2.50 13.11 16.28
CA LEU A 135 1.06 13.08 16.42
C LEU A 135 0.75 11.85 17.28
N LYS A 136 -0.05 12.02 18.31
CA LYS A 136 -0.38 10.90 19.19
C LYS A 136 -1.78 10.37 18.90
N SER A 137 -2.01 9.10 19.20
CA SER A 137 -3.31 8.49 18.97
C SER A 137 -4.35 9.36 19.65
N TRP A 138 -5.48 9.57 18.99
CA TRP A 138 -6.52 10.42 19.57
C TRP A 138 -7.73 9.65 20.07
N LYS A 139 -7.92 8.44 19.55
CA LYS A 139 -9.04 7.64 19.97
C LYS A 139 -8.55 6.48 20.86
N GLY A 140 -7.23 6.35 20.96
CA GLY A 140 -6.63 5.32 21.79
C GLY A 140 -6.75 3.87 21.36
N ASN A 141 -6.78 3.64 20.04
CA ASN A 141 -6.89 2.28 19.53
C ASN A 141 -6.06 2.08 18.27
N ILE A 142 -4.77 1.83 18.48
CA ILE A 142 -3.84 1.59 17.38
C ILE A 142 -3.85 2.64 16.29
N MET A 143 -3.32 3.83 16.56
CA MET A 143 -3.30 4.80 15.49
C MET A 143 -2.49 4.09 14.42
N ARG A 144 -2.92 4.19 13.18
CA ARG A 144 -2.21 3.52 12.12
C ARG A 144 -2.44 4.23 10.79
N THR A 145 -1.41 4.26 9.95
CA THR A 145 -1.50 4.92 8.66
C THR A 145 -1.49 4.00 7.44
N GLN A 146 -1.29 4.58 6.26
CA GLN A 146 -1.27 3.89 4.98
C GLN A 146 -0.56 2.53 4.82
N GLU A 147 0.64 2.39 5.37
CA GLU A 147 1.39 1.15 5.21
C GLU A 147 1.70 1.08 3.72
N SER A 148 1.85 2.26 3.11
CA SER A 148 2.15 2.42 1.70
C SER A 148 2.61 3.87 1.50
N GLU A 149 3.02 4.21 0.28
CA GLU A 149 3.48 5.56 0.00
C GLU A 149 2.39 6.63 0.10
N CYS A 150 2.81 7.84 0.49
CA CYS A 150 1.93 9.00 0.58
C CYS A 150 2.26 9.89 -0.62
N VAL A 151 1.44 10.90 -0.87
CA VAL A 151 1.68 11.77 -2.02
C VAL A 151 2.03 13.20 -1.63
N CYS A 152 2.95 13.80 -2.39
CA CYS A 152 3.38 15.17 -2.16
C CYS A 152 3.20 15.99 -3.40
N GLN A 153 2.76 17.24 -3.24
CA GLN A 153 2.58 18.15 -4.39
C GLN A 153 2.87 19.58 -3.95
N ASP A 154 3.70 20.27 -4.72
CA ASP A 154 4.05 21.66 -4.43
C ASP A 154 4.47 21.91 -2.98
N GLU A 155 5.57 21.29 -2.58
CA GLU A 155 6.14 21.42 -1.24
C GLU A 155 5.32 20.68 -0.19
N PHE A 156 4.04 20.45 -0.46
CA PHE A 156 3.17 19.79 0.50
C PHE A 156 2.88 18.30 0.28
N CYS A 157 2.93 17.53 1.38
CA CYS A 157 2.68 16.08 1.37
C CYS A 157 1.38 15.72 2.09
N TYR A 158 0.74 14.64 1.65
CA TYR A 158 -0.53 14.21 2.23
C TYR A 158 -0.57 12.73 2.58
N THR A 159 -1.32 12.38 3.61
CA THR A 159 -1.45 10.98 4.00
C THR A 159 -2.76 10.78 4.75
N LEU A 160 -2.96 9.60 5.29
CA LEU A 160 -4.20 9.33 6.00
C LEU A 160 -3.94 8.43 7.19
N ILE A 161 -4.49 8.78 8.34
CA ILE A 161 -4.28 7.96 9.52
C ILE A 161 -5.60 7.55 10.16
N THR A 162 -5.75 6.25 10.41
CA THR A 162 -6.95 5.73 11.04
C THR A 162 -6.69 5.54 12.52
N ASP A 163 -7.76 5.38 13.28
CA ASP A 163 -7.66 5.16 14.70
C ASP A 163 -9.05 4.84 15.16
N GLY A 164 -9.25 3.58 15.51
CA GLY A 164 -10.54 3.12 15.96
C GLY A 164 -10.47 1.62 16.02
N PRO A 165 -11.62 0.92 16.13
CA PRO A 165 -11.59 -0.54 16.18
C PRO A 165 -11.58 -1.21 14.79
N SER A 166 -11.05 -2.42 14.71
CA SER A 166 -11.03 -3.15 13.44
C SER A 166 -12.44 -3.66 13.28
N ASP A 167 -13.07 -3.91 14.42
CA ASP A 167 -14.43 -4.42 14.54
C ASP A 167 -15.43 -3.68 13.69
N ALA A 168 -15.61 -2.40 13.97
CA ALA A 168 -16.58 -1.62 13.23
C ALA A 168 -16.10 -0.22 12.87
N GLN A 169 -16.83 0.79 13.34
CA GLN A 169 -16.53 2.19 13.07
C GLN A 169 -15.25 2.71 13.70
N ALA A 170 -14.40 3.31 12.87
CA ALA A 170 -13.15 3.89 13.34
C ALA A 170 -13.14 5.34 12.90
N PHE A 171 -12.05 6.05 13.19
CA PHE A 171 -11.98 7.46 12.81
C PHE A 171 -10.80 7.78 11.91
N TYR A 172 -11.01 8.72 10.99
CA TYR A 172 -9.99 9.03 10.01
C TYR A 172 -9.62 10.51 9.84
N LYS A 173 -8.31 10.78 9.76
CA LYS A 173 -7.76 12.13 9.60
C LYS A 173 -6.89 12.28 8.34
N ILE A 174 -6.97 13.45 7.70
CA ILE A 174 -6.16 13.70 6.51
C ILE A 174 -5.08 14.68 6.90
N LEU A 175 -3.82 14.30 6.78
CA LEU A 175 -2.79 15.25 7.15
C LEU A 175 -2.26 15.98 5.93
N LYS A 176 -1.61 17.10 6.20
CA LYS A 176 -1.02 17.95 5.19
C LYS A 176 0.27 18.43 5.79
N ILE A 177 1.35 17.72 5.49
CA ILE A 177 2.68 18.04 6.00
C ILE A 177 3.49 18.78 4.94
N LYS A 178 4.44 19.60 5.40
CA LYS A 178 5.31 20.38 4.52
C LYS A 178 6.65 20.50 5.21
N LYS A 179 7.63 19.75 4.71
CA LYS A 179 8.97 19.71 5.29
C LYS A 179 8.83 19.05 6.65
N GLY A 180 8.02 18.00 6.70
CA GLY A 180 7.82 17.27 7.93
C GLY A 180 7.01 18.01 8.98
N LYS A 181 6.61 19.24 8.69
CA LYS A 181 5.82 20.02 9.62
C LYS A 181 4.32 19.87 9.32
N ILE A 182 3.59 19.28 10.26
CA ILE A 182 2.15 19.08 10.10
C ILE A 182 1.45 20.44 10.05
N VAL A 183 1.25 20.95 8.85
CA VAL A 183 0.60 22.24 8.67
C VAL A 183 -0.89 22.08 8.37
N SER A 184 -1.64 21.55 9.33
CA SER A 184 -3.09 21.33 9.20
C SER A 184 -3.53 19.87 9.10
N VAL A 185 -4.83 19.66 9.32
CA VAL A 185 -5.44 18.34 9.30
C VAL A 185 -6.97 18.45 9.39
N LYS A 186 -7.67 17.51 8.77
CA LYS A 186 -9.13 17.46 8.80
C LYS A 186 -9.61 16.10 9.30
N ASP A 187 -10.71 16.10 10.04
CA ASP A 187 -11.30 14.86 10.56
C ASP A 187 -12.30 14.45 9.52
N VAL A 188 -12.09 13.30 8.91
CA VAL A 188 -13.01 12.84 7.89
C VAL A 188 -14.30 12.33 8.49
N ASP A 189 -15.41 12.80 7.93
CA ASP A 189 -16.72 12.41 8.40
C ASP A 189 -17.22 11.34 7.43
N ALA A 190 -16.92 10.09 7.74
CA ALA A 190 -17.34 8.97 6.90
C ALA A 190 -18.15 7.95 7.70
N PRO A 191 -19.43 8.25 7.93
CA PRO A 191 -20.26 7.31 8.69
C PRO A 191 -20.36 6.03 7.91
N GLY A 192 -20.05 4.92 8.55
CA GLY A 192 -20.16 3.64 7.86
C GLY A 192 -19.03 3.29 6.90
N PHE A 193 -17.89 3.95 7.07
CA PHE A 193 -16.75 3.67 6.23
C PHE A 193 -15.58 3.16 7.07
N HIS A 194 -15.03 2.01 6.72
CA HIS A 194 -13.86 1.52 7.44
C HIS A 194 -12.76 1.88 6.50
N PHE A 195 -11.98 2.86 6.89
CA PHE A 195 -10.88 3.35 6.08
C PHE A 195 -9.55 3.04 6.74
N GLU A 196 -8.66 2.40 5.99
CA GLU A 196 -7.34 2.09 6.51
C GLU A 196 -6.40 1.46 5.48
N GLU A 197 -5.11 1.71 5.65
CA GLU A 197 -4.08 1.22 4.73
C GLU A 197 -4.43 1.67 3.33
N CYS A 198 -4.42 2.99 3.14
CA CYS A 198 -4.76 3.53 1.84
C CYS A 198 -3.64 3.51 0.84
N SER A 199 -4.00 3.27 -0.41
CA SER A 199 -3.05 3.24 -1.51
C SER A 199 -3.38 4.49 -2.28
N CYS A 200 -2.55 5.52 -2.14
CA CYS A 200 -2.83 6.79 -2.80
C CYS A 200 -2.05 7.06 -4.08
N TYR A 201 -2.28 8.24 -4.63
CA TYR A 201 -1.62 8.73 -5.84
C TYR A 201 -2.24 10.08 -6.23
N PRO A 202 -1.43 11.02 -6.74
CA PRO A 202 -1.89 12.35 -7.16
C PRO A 202 -2.58 12.35 -8.51
N SER A 203 -3.56 13.23 -8.71
CA SER A 203 -4.25 13.28 -10.00
C SER A 203 -4.76 14.66 -10.42
N GLY A 204 -3.88 15.66 -10.40
CA GLY A 204 -4.28 16.99 -10.80
C GLY A 204 -4.89 17.80 -9.67
N GLU A 205 -4.02 18.44 -8.91
CA GLU A 205 -4.46 19.23 -7.75
C GLU A 205 -4.98 18.26 -6.71
N ASN A 206 -5.79 17.31 -7.14
CA ASN A 206 -6.35 16.33 -6.24
C ASN A 206 -5.43 15.18 -5.86
N VAL A 207 -5.88 14.40 -4.89
CA VAL A 207 -5.17 13.24 -4.38
C VAL A 207 -6.19 12.13 -4.22
N GLU A 208 -6.12 11.11 -5.08
CA GLU A 208 -7.06 9.99 -4.98
C GLU A 208 -6.48 8.80 -4.23
N CYS A 209 -7.25 8.26 -3.29
CA CYS A 209 -6.81 7.11 -2.49
C CYS A 209 -7.87 6.02 -2.41
N VAL A 210 -7.50 4.81 -2.79
CA VAL A 210 -8.39 3.65 -2.71
C VAL A 210 -7.81 2.87 -1.53
N CYS A 211 -8.66 2.49 -0.57
CA CYS A 211 -8.18 1.79 0.61
C CYS A 211 -8.91 0.48 0.84
N ARG A 212 -9.07 0.11 2.10
CA ARG A 212 -9.74 -1.15 2.44
C ARG A 212 -10.73 -1.07 3.61
N ASP A 213 -11.85 -1.78 3.47
CA ASP A 213 -12.83 -1.83 4.54
C ASP A 213 -12.64 -3.18 5.21
N ASN A 214 -12.12 -3.12 6.43
CA ASN A 214 -11.88 -4.32 7.21
C ASN A 214 -12.98 -4.44 8.27
N TRP A 215 -14.12 -3.83 7.95
CA TRP A 215 -15.26 -3.86 8.85
C TRP A 215 -16.41 -4.64 8.24
N ARG A 216 -16.85 -4.21 7.07
CA ARG A 216 -17.94 -4.90 6.42
C ARG A 216 -18.00 -4.61 4.92
N GLY A 217 -16.84 -4.36 4.34
CA GLY A 217 -16.77 -4.07 2.92
C GLY A 217 -15.94 -5.09 2.14
N SER A 218 -16.52 -5.57 1.04
CA SER A 218 -15.85 -6.53 0.18
C SER A 218 -15.39 -5.76 -1.05
N ASN A 219 -15.65 -4.46 -1.03
CA ASN A 219 -15.23 -3.58 -2.10
C ASN A 219 -14.35 -2.53 -1.43
N ARG A 220 -13.78 -1.62 -2.20
CA ARG A 220 -12.92 -0.63 -1.60
C ARG A 220 -13.47 0.77 -1.44
N PRO A 221 -13.16 1.39 -0.30
CA PRO A 221 -13.60 2.75 -0.01
C PRO A 221 -12.55 3.69 -0.61
N TRP A 222 -12.97 4.85 -1.08
CA TRP A 222 -12.03 5.79 -1.67
C TRP A 222 -12.15 7.16 -1.05
N ILE A 223 -11.23 8.04 -1.41
CA ILE A 223 -11.22 9.40 -0.89
C ILE A 223 -10.32 10.31 -1.71
N ARG A 224 -10.89 11.37 -2.22
CA ARG A 224 -10.17 12.34 -3.03
C ARG A 224 -10.21 13.67 -2.30
N PHE A 225 -9.06 14.32 -2.07
CA PHE A 225 -9.10 15.60 -1.38
C PHE A 225 -8.28 16.74 -1.99
N ASN A 226 -8.54 17.94 -1.48
CA ASN A 226 -7.91 19.18 -1.94
C ASN A 226 -6.55 19.55 -1.37
N SER A 227 -6.13 20.75 -1.74
CA SER A 227 -4.88 21.33 -1.28
C SER A 227 -5.22 21.88 0.08
N ASP A 228 -6.53 22.03 0.30
CA ASP A 228 -7.06 22.56 1.56
C ASP A 228 -7.70 21.41 2.35
N LEU A 229 -7.86 20.27 1.68
CA LEU A 229 -8.43 19.06 2.28
C LEU A 229 -9.95 18.89 2.22
N ASP A 230 -10.62 19.58 1.30
CA ASP A 230 -12.06 19.43 1.17
C ASP A 230 -12.22 18.10 0.46
N TYR A 231 -12.74 17.11 1.16
CA TYR A 231 -12.86 15.77 0.60
C TYR A 231 -14.13 15.38 -0.14
N GLN A 232 -14.13 14.13 -0.60
CA GLN A 232 -15.23 13.53 -1.34
C GLN A 232 -14.99 12.02 -1.20
N ILE A 233 -15.98 11.28 -0.72
CA ILE A 233 -15.81 9.83 -0.55
C ILE A 233 -16.88 8.95 -1.17
N GLY A 234 -16.79 7.67 -0.85
CA GLY A 234 -17.70 6.65 -1.35
C GLY A 234 -16.83 5.43 -1.62
N TYR A 235 -17.36 4.43 -2.32
CA TYR A 235 -16.60 3.22 -2.66
C TYR A 235 -16.51 3.08 -4.17
N VAL A 236 -15.77 2.08 -4.62
CA VAL A 236 -15.63 1.89 -6.05
C VAL A 236 -16.86 1.24 -6.64
N CYS A 237 -17.54 2.02 -7.48
CA CYS A 237 -18.75 1.60 -8.17
C CYS A 237 -18.69 0.17 -8.68
N SER A 238 -17.61 -0.17 -9.40
CA SER A 238 -17.43 -1.49 -10.00
C SER A 238 -17.79 -2.72 -9.20
N GLY A 239 -18.22 -3.74 -9.94
CA GLY A 239 -18.61 -5.01 -9.36
C GLY A 239 -17.47 -6.00 -9.29
N VAL A 240 -16.34 -5.63 -9.87
CA VAL A 240 -15.14 -6.46 -9.84
C VAL A 240 -14.50 -6.17 -8.48
N PHE A 241 -15.07 -6.78 -7.44
CA PHE A 241 -14.66 -6.61 -6.04
C PHE A 241 -13.19 -6.75 -5.77
N GLY A 242 -12.60 -5.71 -5.16
CA GLY A 242 -11.17 -5.70 -4.87
C GLY A 242 -10.68 -6.22 -3.53
N ASP A 243 -11.45 -6.06 -2.47
CA ASP A 243 -11.03 -6.52 -1.16
C ASP A 243 -10.72 -8.01 -1.22
N ASN A 244 -10.52 -8.59 -0.05
CA ASN A 244 -10.23 -10.01 0.13
C ASN A 244 -10.18 -10.22 1.62
N PRO A 245 -10.99 -11.15 2.13
CA PRO A 245 -11.89 -11.95 1.30
C PRO A 245 -12.99 -11.12 0.65
N ARG A 246 -13.58 -11.69 -0.41
CA ARG A 246 -14.66 -11.06 -1.15
C ARG A 246 -15.55 -12.16 -1.73
N PRO A 247 -16.83 -11.85 -2.00
CA PRO A 247 -17.78 -12.82 -2.57
C PRO A 247 -17.65 -12.85 -4.09
N MET A 248 -18.39 -13.73 -4.76
CA MET A 248 -18.31 -13.76 -6.21
C MET A 248 -18.78 -12.38 -6.68
N ASP A 249 -18.19 -11.87 -7.76
CA ASP A 249 -18.57 -10.56 -8.26
C ASP A 249 -20.07 -10.43 -8.55
N SER A 250 -20.75 -9.62 -7.77
CA SER A 250 -22.18 -9.39 -7.94
C SER A 250 -22.28 -7.99 -8.50
N THR A 251 -23.43 -7.34 -8.29
CA THR A 251 -23.61 -5.96 -8.75
C THR A 251 -23.12 -5.11 -7.59
N GLY A 252 -22.17 -4.22 -7.85
CA GLY A 252 -21.62 -3.41 -6.79
C GLY A 252 -22.28 -2.09 -6.44
N SER A 253 -21.82 -1.49 -5.34
CA SER A 253 -22.34 -0.20 -4.87
C SER A 253 -21.25 0.86 -4.98
N CYS A 254 -21.63 2.13 -4.92
CA CYS A 254 -20.66 3.23 -5.01
C CYS A 254 -20.77 4.18 -3.83
N ASN A 255 -21.03 3.66 -2.63
CA ASN A 255 -21.14 4.54 -1.48
C ASN A 255 -21.28 3.75 -0.18
N SER A 256 -21.57 2.47 -0.30
CA SER A 256 -21.73 1.64 0.88
C SER A 256 -20.85 0.42 0.78
N PRO A 257 -20.62 -0.24 1.91
CA PRO A 257 -19.79 -1.44 1.91
C PRO A 257 -20.61 -2.69 1.63
N ILE A 258 -20.24 -3.42 0.57
CA ILE A 258 -20.94 -4.63 0.19
C ILE A 258 -20.42 -5.77 1.06
N ASN A 259 -21.21 -6.11 2.08
CA ASN A 259 -20.85 -7.16 3.03
C ASN A 259 -20.77 -8.58 2.46
N ASN A 260 -21.93 -9.17 2.19
CA ASN A 260 -22.04 -10.52 1.63
C ASN A 260 -21.28 -11.59 2.44
N GLY A 261 -21.31 -11.45 3.76
CA GLY A 261 -20.66 -12.39 4.65
C GLY A 261 -19.15 -12.30 4.70
N LYS A 262 -18.55 -12.07 3.54
CA LYS A 262 -17.10 -11.96 3.44
C LYS A 262 -16.55 -10.58 3.77
N GLY A 263 -17.28 -9.53 3.44
CA GLY A 263 -16.81 -8.19 3.71
C GLY A 263 -16.07 -8.01 5.03
N ARG A 264 -16.64 -8.62 6.07
CA ARG A 264 -16.14 -8.60 7.44
C ARG A 264 -14.63 -8.38 7.62
N TYR A 265 -13.83 -8.90 6.70
CA TYR A 265 -12.38 -8.73 6.80
C TYR A 265 -11.87 -7.96 5.57
N GLY A 266 -10.58 -8.15 5.28
CA GLY A 266 -9.98 -7.50 4.14
C GLY A 266 -8.47 -7.50 4.12
N VAL A 267 -7.90 -6.99 3.03
CA VAL A 267 -6.46 -6.89 2.86
C VAL A 267 -6.16 -5.65 2.00
N LYS A 268 -5.06 -4.98 2.28
CA LYS A 268 -4.70 -3.77 1.52
C LYS A 268 -4.71 -3.97 0.02
N GLY A 269 -5.24 -2.99 -0.70
CA GLY A 269 -5.29 -3.07 -2.14
C GLY A 269 -5.22 -1.68 -2.73
N PHE A 270 -5.20 -1.57 -4.05
CA PHE A 270 -5.13 -0.28 -4.71
C PHE A 270 -6.04 -0.26 -5.93
N SER A 271 -6.02 0.85 -6.66
CA SER A 271 -6.82 1.02 -7.87
C SER A 271 -6.57 2.41 -8.43
N PHE A 272 -6.53 2.52 -9.76
CA PHE A 272 -6.30 3.81 -10.40
C PHE A 272 -7.49 4.22 -11.23
N ARG A 273 -8.06 5.36 -10.91
CA ARG A 273 -9.20 5.86 -11.65
C ARG A 273 -8.81 6.59 -12.93
N TYR A 274 -9.27 6.07 -14.06
CA TYR A 274 -9.01 6.68 -15.35
C TYR A 274 -10.34 7.15 -15.96
N GLY A 275 -10.85 8.26 -15.44
CA GLY A 275 -12.10 8.79 -15.94
C GLY A 275 -13.26 7.95 -15.44
N ASP A 276 -13.99 7.33 -16.37
CA ASP A 276 -15.13 6.47 -16.03
C ASP A 276 -14.62 5.06 -15.77
N GLY A 277 -13.41 4.80 -16.24
CA GLY A 277 -12.79 3.49 -16.08
C GLY A 277 -11.84 3.47 -14.89
N VAL A 278 -11.34 2.29 -14.56
CA VAL A 278 -10.43 2.16 -13.43
C VAL A 278 -9.68 0.85 -13.48
N TRP A 279 -8.39 0.88 -13.18
CA TRP A 279 -7.58 -0.32 -13.15
C TRP A 279 -7.67 -0.89 -11.74
N ILE A 280 -8.05 -2.17 -11.64
CA ILE A 280 -8.21 -2.81 -10.34
C ILE A 280 -7.24 -3.95 -10.08
N GLY A 281 -6.44 -3.83 -9.02
CA GLY A 281 -5.51 -4.90 -8.69
C GLY A 281 -6.15 -5.77 -7.62
N ARG A 282 -6.26 -7.07 -7.87
CA ARG A 282 -6.90 -7.95 -6.88
C ARG A 282 -6.43 -9.41 -6.87
N THR A 283 -6.56 -10.05 -5.70
CA THR A 283 -6.19 -11.44 -5.52
C THR A 283 -7.15 -12.37 -6.25
N LYS A 284 -6.68 -13.56 -6.59
CA LYS A 284 -7.49 -14.53 -7.32
C LYS A 284 -8.37 -15.39 -6.42
N SER A 285 -7.85 -15.74 -5.25
CA SER A 285 -8.64 -16.53 -4.34
C SER A 285 -9.58 -15.50 -3.72
N LEU A 286 -10.64 -15.97 -3.11
CA LEU A 286 -11.60 -15.07 -2.51
C LEU A 286 -11.59 -15.28 -1.01
N GLU A 287 -10.94 -16.35 -0.56
CA GLU A 287 -10.90 -16.66 0.86
C GLU A 287 -9.51 -16.42 1.41
N SER A 288 -8.51 -16.70 0.60
CA SER A 288 -7.14 -16.54 1.01
C SER A 288 -6.49 -15.43 0.19
N ARG A 289 -5.26 -15.10 0.51
CA ARG A 289 -4.49 -14.08 -0.20
C ARG A 289 -3.51 -14.76 -1.14
N SER A 290 -4.03 -15.30 -2.23
CA SER A 290 -3.19 -15.99 -3.19
C SER A 290 -3.45 -15.50 -4.60
N GLY A 291 -2.40 -15.47 -5.40
CA GLY A 291 -2.52 -15.02 -6.77
C GLY A 291 -2.75 -13.54 -6.83
N PHE A 292 -2.67 -12.97 -8.03
CA PHE A 292 -2.89 -11.55 -8.17
C PHE A 292 -3.03 -11.17 -9.62
N GLU A 293 -4.03 -10.35 -9.92
CA GLU A 293 -4.31 -9.89 -11.28
C GLU A 293 -4.65 -8.41 -11.32
N MET A 294 -4.58 -7.83 -12.51
CA MET A 294 -4.89 -6.41 -12.71
C MET A 294 -6.05 -6.26 -13.69
N VAL A 295 -7.27 -6.12 -13.16
CA VAL A 295 -8.51 -5.99 -13.96
C VAL A 295 -8.63 -4.73 -14.83
N TRP A 296 -9.84 -4.43 -15.31
CA TRP A 296 -10.03 -3.25 -16.17
C TRP A 296 -11.47 -2.83 -16.57
N ASP A 297 -12.48 -2.88 -15.67
CA ASP A 297 -13.82 -2.44 -16.10
C ASP A 297 -13.67 -0.97 -16.48
N ALA A 298 -13.90 -0.64 -17.76
CA ALA A 298 -13.78 0.72 -18.28
C ALA A 298 -14.97 1.59 -17.90
N ASN A 299 -16.03 0.93 -17.45
CA ASN A 299 -17.27 1.57 -16.98
C ASN A 299 -17.15 1.54 -15.46
N GLY A 300 -16.10 0.86 -15.00
CA GLY A 300 -15.82 0.65 -13.59
C GLY A 300 -15.94 1.67 -12.49
N TRP A 301 -15.45 2.89 -12.67
CA TRP A 301 -15.52 3.85 -11.58
C TRP A 301 -16.92 4.41 -11.38
N VAL A 302 -17.76 4.33 -12.41
CA VAL A 302 -19.11 4.86 -12.30
C VAL A 302 -20.21 3.81 -12.38
N SER A 303 -19.92 2.70 -13.04
CA SER A 303 -20.90 1.65 -13.20
C SER A 303 -20.76 0.53 -12.18
N THR A 304 -21.89 -0.06 -11.82
CA THR A 304 -21.90 -1.15 -10.86
C THR A 304 -21.82 -2.51 -11.58
N ASP A 305 -21.48 -2.47 -12.87
CA ASP A 305 -21.34 -3.68 -13.69
C ASP A 305 -20.35 -4.62 -13.04
N LYS A 306 -20.33 -5.86 -13.51
CA LYS A 306 -19.39 -6.85 -13.00
C LYS A 306 -18.67 -7.26 -14.26
N ASP A 307 -19.10 -6.71 -15.38
CA ASP A 307 -18.47 -7.01 -16.65
C ASP A 307 -17.18 -6.22 -16.60
N SER A 308 -16.06 -6.92 -16.82
CA SER A 308 -14.73 -6.32 -16.82
C SER A 308 -14.31 -6.17 -18.28
N ASN A 309 -13.12 -5.61 -18.51
CA ASN A 309 -12.67 -5.40 -19.88
C ASN A 309 -11.27 -5.91 -20.21
N GLY A 310 -10.80 -6.92 -19.50
CA GLY A 310 -9.47 -7.43 -19.80
C GLY A 310 -8.60 -7.69 -18.59
N VAL A 311 -7.93 -8.83 -18.58
CA VAL A 311 -7.09 -9.20 -17.47
C VAL A 311 -5.67 -9.64 -17.80
N GLN A 312 -4.72 -9.12 -17.03
CA GLN A 312 -3.33 -9.44 -17.19
C GLN A 312 -2.99 -10.17 -15.91
N ASP A 313 -2.65 -11.46 -16.02
CA ASP A 313 -2.32 -12.23 -14.83
C ASP A 313 -0.96 -11.83 -14.27
N ILE A 314 -0.86 -11.73 -12.96
CA ILE A 314 0.39 -11.37 -12.29
C ILE A 314 0.97 -12.51 -11.44
N ILE A 315 0.10 -13.33 -10.87
CA ILE A 315 0.53 -14.45 -10.04
C ILE A 315 -0.58 -15.48 -10.05
N ASP A 316 -0.36 -16.63 -10.67
CA ASP A 316 -1.44 -17.61 -10.69
C ASP A 316 -1.87 -17.87 -9.24
N ASN A 317 -3.11 -18.31 -9.07
CA ASN A 317 -3.64 -18.57 -7.73
C ASN A 317 -3.05 -19.81 -7.08
N ASP A 318 -1.91 -20.28 -7.60
CA ASP A 318 -1.28 -21.45 -7.03
C ASP A 318 -0.21 -21.04 -6.01
N ASN A 319 0.22 -19.80 -6.09
CA ASN A 319 1.24 -19.26 -5.18
C ASN A 319 0.61 -18.22 -4.27
N TRP A 320 1.36 -17.81 -3.24
CA TRP A 320 0.86 -16.82 -2.29
C TRP A 320 1.08 -15.39 -2.78
N SER A 321 0.29 -14.48 -2.20
CA SER A 321 0.36 -13.05 -2.51
C SER A 321 0.17 -12.36 -1.18
N GLY A 322 -0.21 -11.09 -1.22
CA GLY A 322 -0.41 -10.37 0.02
C GLY A 322 -0.75 -8.91 -0.19
N TYR A 323 -0.09 -8.04 0.55
CA TYR A 323 -0.35 -6.61 0.41
C TYR A 323 -0.03 -6.13 -0.98
N SER A 324 -0.94 -5.35 -1.53
CA SER A 324 -0.81 -4.79 -2.84
C SER A 324 -0.79 -3.28 -2.66
N GLY A 325 0.25 -2.61 -3.16
CA GLY A 325 0.32 -1.16 -3.00
C GLY A 325 0.13 -0.37 -4.28
N SER A 326 0.57 0.88 -4.29
CA SER A 326 0.41 1.71 -5.48
C SER A 326 1.05 3.08 -5.41
N PHE A 327 2.36 3.14 -5.67
CA PHE A 327 3.09 4.39 -5.67
C PHE A 327 2.97 5.01 -7.05
N SER A 328 3.65 6.13 -7.24
CA SER A 328 3.59 6.80 -8.53
C SER A 328 4.98 7.30 -8.92
N ILE A 329 5.18 7.55 -10.21
CA ILE A 329 6.45 8.06 -10.71
C ILE A 329 6.17 9.35 -11.47
N ARG A 330 6.48 10.46 -10.81
CA ARG A 330 6.24 11.79 -11.36
C ARG A 330 6.89 12.12 -12.70
N GLY A 331 6.49 13.26 -13.27
CA GLY A 331 7.01 13.70 -14.55
C GLY A 331 8.24 14.54 -14.47
N GLU A 332 8.78 14.68 -13.26
CA GLU A 332 10.01 15.45 -13.12
C GLU A 332 11.13 14.47 -13.43
N THR A 333 10.90 13.21 -13.08
CA THR A 333 11.86 12.13 -13.32
C THR A 333 11.72 11.73 -14.79
N THR A 334 10.50 11.37 -15.18
CA THR A 334 10.20 10.99 -16.55
C THR A 334 10.07 12.27 -17.36
N GLY A 335 10.80 12.37 -18.46
CA GLY A 335 10.72 13.57 -19.27
C GLY A 335 9.28 13.92 -19.64
N ARG A 336 8.42 12.92 -19.53
CA ARG A 336 7.00 13.07 -19.87
C ARG A 336 6.23 14.19 -19.18
N ASN A 337 4.95 14.29 -19.57
CA ASN A 337 4.00 15.30 -19.11
C ASN A 337 2.85 14.73 -18.27
N CYS A 338 2.97 13.49 -17.83
CA CYS A 338 1.93 12.83 -17.04
C CYS A 338 2.55 11.84 -16.07
N THR A 339 1.96 11.72 -14.89
CA THR A 339 2.46 10.81 -13.85
C THR A 339 2.29 9.36 -14.29
N VAL A 340 3.27 8.52 -13.97
CA VAL A 340 3.17 7.11 -14.33
C VAL A 340 2.77 6.29 -13.12
N PRO A 341 1.63 5.60 -13.20
CA PRO A 341 1.16 4.77 -12.08
C PRO A 341 1.92 3.46 -12.07
N CYS A 342 2.28 2.99 -10.88
CA CYS A 342 2.98 1.72 -10.78
C CYS A 342 2.53 1.06 -9.51
N PHE A 343 2.72 -0.24 -9.40
CA PHE A 343 2.28 -0.94 -8.21
C PHE A 343 3.20 -2.07 -7.87
N TRP A 344 3.20 -2.43 -6.60
CA TRP A 344 4.04 -3.50 -6.11
C TRP A 344 3.16 -4.50 -5.40
N VAL A 345 3.55 -5.76 -5.44
CA VAL A 345 2.76 -6.77 -4.77
C VAL A 345 3.63 -7.49 -3.75
N GLU A 346 3.11 -7.65 -2.55
CA GLU A 346 3.81 -8.35 -1.48
C GLU A 346 3.36 -9.80 -1.49
N MET A 347 4.30 -10.74 -1.55
CA MET A 347 3.94 -12.14 -1.50
C MET A 347 4.36 -12.57 -0.11
N ILE A 348 3.37 -12.86 0.74
CA ILE A 348 3.65 -13.26 2.11
C ILE A 348 3.96 -14.75 2.22
N ARG A 349 4.91 -15.09 3.08
CA ARG A 349 5.30 -16.47 3.26
C ARG A 349 5.38 -16.79 4.74
N GLY A 350 5.10 -18.05 5.07
CA GLY A 350 5.12 -18.46 6.46
C GLY A 350 3.72 -18.50 7.02
N GLN A 351 3.56 -18.21 8.31
CA GLN A 351 2.25 -18.23 8.92
C GLN A 351 1.37 -17.09 8.44
N PRO A 352 0.05 -17.14 8.72
CA PRO A 352 -0.65 -18.17 9.48
C PRO A 352 -0.95 -19.35 8.59
N LYS A 353 -0.63 -19.18 7.31
CA LYS A 353 -0.87 -20.22 6.31
C LYS A 353 0.05 -21.42 6.35
N GLU A 354 1.31 -21.21 5.99
CA GLU A 354 2.32 -22.28 5.93
C GLU A 354 2.91 -22.75 7.26
N LYS A 355 3.30 -24.03 7.30
CA LYS A 355 3.83 -24.65 8.53
C LYS A 355 5.21 -24.18 9.01
N THR A 356 5.34 -22.88 9.25
CA THR A 356 6.61 -22.33 9.71
C THR A 356 6.50 -21.58 11.05
N ILE A 357 7.65 -21.22 11.62
CA ILE A 357 7.67 -20.50 12.89
C ILE A 357 7.84 -19.02 12.60
N TRP A 358 7.97 -18.68 11.32
CA TRP A 358 8.14 -17.30 10.91
C TRP A 358 7.09 -16.85 9.89
N THR A 359 7.09 -15.56 9.58
CA THR A 359 6.18 -14.97 8.61
C THR A 359 6.82 -13.70 8.07
N SER A 360 7.15 -13.70 6.79
CA SER A 360 7.77 -12.54 6.17
C SER A 360 7.17 -12.41 4.80
N GLY A 361 7.77 -11.59 3.94
CA GLY A 361 7.23 -11.42 2.62
C GLY A 361 8.27 -11.04 1.59
N SER A 362 7.92 -11.22 0.32
CA SER A 362 8.79 -10.88 -0.80
C SER A 362 8.05 -9.78 -1.54
N SER A 363 8.51 -9.42 -2.75
CA SER A 363 7.83 -8.37 -3.50
C SER A 363 8.21 -8.29 -4.98
N ILE A 364 7.29 -7.68 -5.75
CA ILE A 364 7.47 -7.47 -7.16
C ILE A 364 6.76 -6.16 -7.47
N ALA A 365 7.10 -5.54 -8.59
CA ALA A 365 6.49 -4.27 -8.94
C ALA A 365 6.50 -4.02 -10.45
N PHE A 366 5.37 -3.54 -10.95
CA PHE A 366 5.22 -3.24 -12.37
C PHE A 366 4.82 -1.79 -12.54
N CYS A 367 4.90 -1.29 -13.77
CA CYS A 367 4.55 0.10 -14.04
C CYS A 367 3.58 0.27 -15.20
N GLY A 368 3.21 1.52 -15.44
CA GLY A 368 2.27 1.87 -16.50
C GLY A 368 2.55 1.35 -17.89
N VAL A 369 3.38 2.07 -18.64
CA VAL A 369 3.68 1.65 -20.00
C VAL A 369 2.43 1.55 -20.89
N ASN A 370 2.38 2.40 -21.91
CA ASN A 370 1.28 2.42 -22.87
C ASN A 370 1.76 1.64 -24.09
N SER A 371 2.43 0.51 -23.83
CA SER A 371 2.97 -0.35 -24.87
C SER A 371 2.40 -1.75 -24.71
N ASP A 372 3.11 -2.76 -25.21
CA ASP A 372 2.66 -4.15 -25.12
C ASP A 372 3.03 -4.77 -23.77
N THR A 373 2.30 -5.79 -23.40
CA THR A 373 2.53 -6.46 -22.14
C THR A 373 2.06 -7.91 -22.14
N THR A 374 2.71 -8.72 -21.30
CA THR A 374 2.33 -10.11 -21.19
C THR A 374 2.09 -10.41 -19.73
N GLY A 375 1.23 -11.39 -19.48
CA GLY A 375 0.93 -11.77 -18.12
C GLY A 375 1.74 -12.99 -17.74
N TRP A 376 1.66 -13.42 -16.50
CA TRP A 376 2.42 -14.57 -16.09
C TRP A 376 2.17 -14.94 -14.64
N SER A 377 3.26 -14.94 -13.88
CA SER A 377 3.26 -15.26 -12.46
C SER A 377 4.70 -15.14 -12.03
N TRP A 378 4.99 -14.16 -11.18
CA TRP A 378 6.35 -13.92 -10.68
C TRP A 378 6.35 -14.04 -9.16
N PRO A 379 5.93 -15.19 -8.62
CA PRO A 379 5.87 -15.44 -7.18
C PRO A 379 7.18 -15.35 -6.43
N ASP A 380 7.08 -15.34 -5.10
CA ASP A 380 8.23 -15.29 -4.22
C ASP A 380 9.23 -16.33 -4.73
N GLY A 381 8.84 -17.60 -4.62
CA GLY A 381 9.69 -18.67 -5.08
C GLY A 381 10.51 -19.34 -4.00
N ALA A 382 10.07 -19.24 -2.76
CA ALA A 382 10.82 -19.87 -1.69
C ALA A 382 10.36 -21.29 -1.45
N LEU A 383 11.31 -22.21 -1.35
CA LEU A 383 10.97 -23.61 -1.10
C LEU A 383 10.89 -23.72 0.42
N LEU A 384 9.66 -23.75 0.95
CA LEU A 384 9.45 -23.84 2.41
C LEU A 384 9.07 -25.23 2.94
N PRO A 385 9.23 -25.44 4.25
CA PRO A 385 9.74 -24.48 5.24
C PRO A 385 11.24 -24.29 5.12
N PHE A 386 11.86 -23.69 6.14
CA PHE A 386 13.30 -23.47 6.09
C PHE A 386 14.03 -24.36 7.08
N ASP A 387 15.29 -24.00 7.33
CA ASP A 387 16.10 -24.71 8.31
C ASP A 387 15.38 -24.37 9.61
N ILE A 388 14.17 -23.84 9.43
CA ILE A 388 13.24 -23.42 10.48
C ILE A 388 13.92 -23.12 11.84
C1 DAN B . -2.93 -8.01 8.63
C2 DAN B . -2.62 -6.77 9.24
C3 DAN B . -1.17 -6.40 9.35
C4 DAN B . -0.97 -4.95 9.86
C5 DAN B . -2.07 -4.52 10.79
C6 DAN B . -3.42 -4.63 10.05
C7 DAN B . -4.61 -4.19 10.93
C8 DAN B . -5.97 -4.27 10.22
C9 DAN B . -7.11 -3.80 11.13
C10 DAN B . -1.46 -2.85 12.46
C11 DAN B . -1.11 -1.42 12.81
N5 DAN B . -1.74 -3.16 11.21
O1A DAN B . -3.12 -9.16 9.38
O1B DAN B . -3.02 -8.07 7.35
O4 DAN B . 0.30 -4.89 10.50
O6 DAN B . -3.63 -6.03 9.67
O7 DAN B . -4.72 -5.03 12.09
O8 DAN B . -5.96 -3.46 9.05
O9 DAN B . -6.99 -2.45 11.53
O10 DAN B . -1.46 -3.79 13.48
#